data_4YMP
#
_entry.id   4YMP
#
_cell.length_a   84.850
_cell.length_b   84.850
_cell.length_c   178.270
_cell.angle_alpha   90.000
_cell.angle_beta   90.000
_cell.angle_gamma   120.000
#
_symmetry.space_group_name_H-M   'P 64 2 2'
#
loop_
_entity.id
_entity.type
_entity.pdbx_description
1 polymer Internalin
2 non-polymer 'PROTOPORPHYRIN IX CONTAINING FE'
#
_entity_poly.entity_id   1
_entity_poly.type   'polypeptide(L)'
_entity_poly.pdbx_seq_one_letter_code
;ENMAVQSPKKHVFDAVIKAYKDNSDEESYATVYIKDPKLTIENGKRIITATLKDSDFFDYLKVEDSKEPGVFHDVKVLSE
DKRKHGTKVIQFEVGELGKRYNMQMHILIPTLGYDKEFKIQFEVNMRTFV
;
_entity_poly.pdbx_strand_id   A,C
#
loop_
_chem_comp.id
_chem_comp.type
_chem_comp.name
_chem_comp.formula
HEM non-polymer 'PROTOPORPHYRIN IX CONTAINING FE' 'C34 H32 Fe N4 O4'
#
# COMPACT_ATOMS: atom_id res chain seq x y z
N VAL A 12 9.56 30.74 -11.05
CA VAL A 12 9.33 29.35 -11.43
C VAL A 12 10.61 28.52 -11.29
N PHE A 13 10.59 27.56 -10.37
CA PHE A 13 11.77 26.77 -10.05
C PHE A 13 11.49 25.26 -10.08
N ASP A 14 12.51 24.49 -10.44
CA ASP A 14 12.45 23.04 -10.31
C ASP A 14 12.34 22.68 -8.83
N ALA A 15 11.28 21.99 -8.46
CA ALA A 15 11.03 21.69 -7.06
C ALA A 15 10.95 20.20 -6.81
N VAL A 16 10.96 19.81 -5.54
CA VAL A 16 10.81 18.40 -5.18
C VAL A 16 9.85 18.27 -4.00
N ILE A 17 9.05 17.22 -4.00
CA ILE A 17 8.15 16.99 -2.87
C ILE A 17 8.53 15.72 -2.12
N LYS A 18 8.67 15.84 -0.81
CA LYS A 18 8.99 14.71 0.05
C LYS A 18 7.79 14.34 0.90
N ALA A 19 7.35 13.09 0.80
CA ALA A 19 6.19 12.62 1.54
C ALA A 19 6.60 11.64 2.63
N TYR A 20 5.80 11.61 3.70
CA TYR A 20 6.10 10.85 4.90
C TYR A 20 4.88 10.10 5.41
N LYS A 21 5.12 8.86 5.83
CA LYS A 21 4.09 7.92 6.25
C LYS A 21 3.46 8.37 7.56
N ASP A 22 2.60 9.37 7.47
CA ASP A 22 1.99 10.01 8.62
C ASP A 22 3.07 10.40 9.62
N ASN A 23 2.91 9.98 10.87
CA ASN A 23 3.83 10.34 11.93
C ASN A 23 5.26 9.84 11.68
N SER A 24 5.38 8.67 11.07
CA SER A 24 6.70 8.12 10.78
C SER A 24 7.44 9.02 9.79
N ASP A 25 8.75 9.10 9.92
CA ASP A 25 9.56 9.90 9.03
C ASP A 25 10.11 9.12 7.84
N GLU A 26 9.77 7.83 7.74
CA GLU A 26 10.11 7.04 6.56
C GLU A 26 9.27 7.52 5.38
N GLU A 27 9.91 7.62 4.22
CA GLU A 27 9.29 8.15 3.02
C GLU A 27 8.01 7.40 2.67
N SER A 28 6.97 8.18 2.37
CA SER A 28 5.67 7.61 2.05
C SER A 28 5.68 7.02 0.64
N TYR A 29 4.76 6.09 0.38
CA TYR A 29 4.65 5.48 -0.93
C TYR A 29 4.15 6.49 -1.96
N ALA A 30 3.25 7.37 -1.51
CA ALA A 30 2.61 8.35 -2.39
C ALA A 30 3.62 9.18 -3.18
N THR A 31 4.85 9.24 -2.66
CA THR A 31 5.93 9.98 -3.29
C THR A 31 6.11 9.56 -4.74
N VAL A 32 5.91 8.27 -5.02
CA VAL A 32 6.15 7.77 -6.37
C VAL A 32 5.03 8.17 -7.32
N TYR A 33 3.89 8.60 -6.78
CA TYR A 33 2.76 9.00 -7.60
C TYR A 33 2.77 10.50 -7.87
N ILE A 34 3.81 11.18 -7.37
CA ILE A 34 3.98 12.60 -7.65
C ILE A 34 5.35 12.87 -8.26
N LYS A 35 5.35 13.41 -9.48
CA LYS A 35 6.59 13.60 -10.21
C LYS A 35 6.69 15.02 -10.75
N ASP A 36 7.92 15.40 -11.11
CA ASP A 36 8.24 16.74 -11.61
C ASP A 36 7.52 17.88 -10.89
N PRO A 37 7.73 18.01 -9.57
CA PRO A 37 7.15 19.16 -8.88
C PRO A 37 7.83 20.46 -9.31
N LYS A 38 7.07 21.54 -9.40
CA LYS A 38 7.63 22.83 -9.79
C LYS A 38 7.08 23.95 -8.91
N LEU A 39 7.96 24.84 -8.47
CA LEU A 39 7.57 25.91 -7.57
C LEU A 39 7.53 27.26 -8.27
N THR A 40 6.37 27.89 -8.27
CA THR A 40 6.22 29.23 -8.80
C THR A 40 5.83 30.18 -7.67
N ILE A 41 6.12 31.45 -7.83
CA ILE A 41 5.78 32.44 -6.81
C ILE A 41 4.93 33.57 -7.39
N GLU A 42 3.70 33.69 -6.91
CA GLU A 42 2.80 34.73 -7.40
C GLU A 42 2.14 35.49 -6.26
N ASN A 43 2.02 36.81 -6.43
CA ASN A 43 1.50 37.72 -5.39
C ASN A 43 2.35 37.69 -4.12
N GLY A 44 3.61 37.29 -4.25
CA GLY A 44 4.48 37.13 -3.11
C GLY A 44 4.09 35.92 -2.30
N LYS A 45 3.52 34.92 -2.97
CA LYS A 45 3.01 33.73 -2.32
C LYS A 45 3.53 32.48 -3.03
N ARG A 46 3.69 31.40 -2.27
CA ARG A 46 4.37 30.21 -2.77
C ARG A 46 3.40 29.15 -3.27
N ILE A 47 3.56 28.77 -4.54
CA ILE A 47 2.62 27.88 -5.22
C ILE A 47 3.31 26.66 -5.82
N ILE A 48 2.84 25.48 -5.44
CA ILE A 48 3.37 24.24 -5.99
C ILE A 48 2.47 23.65 -7.08
N THR A 49 3.08 23.40 -8.23
CA THR A 49 2.43 22.78 -9.37
C THR A 49 3.09 21.44 -9.61
N ALA A 50 2.36 20.35 -9.37
CA ALA A 50 2.96 19.02 -9.46
C ALA A 50 2.15 18.09 -10.36
N THR A 51 2.83 17.10 -10.91
CA THR A 51 2.19 16.10 -11.75
C THR A 51 1.71 14.92 -10.93
N LEU A 52 0.41 14.64 -10.99
CA LEU A 52 -0.18 13.51 -10.29
C LEU A 52 -0.40 12.38 -11.28
N LYS A 53 0.46 11.39 -11.23
CA LYS A 53 0.39 10.23 -12.10
C LYS A 53 -0.65 9.24 -11.59
N ASP A 54 -1.24 8.47 -12.49
CA ASP A 54 -2.32 7.52 -12.16
C ASP A 54 -3.42 8.17 -11.33
N SER A 55 -3.94 9.28 -11.84
CA SER A 55 -4.95 10.08 -11.16
C SER A 55 -6.28 9.37 -10.86
N ASP A 56 -6.65 8.42 -11.69
CA ASP A 56 -7.95 7.74 -11.56
C ASP A 56 -8.16 7.07 -10.20
N PHE A 57 -7.06 6.73 -9.54
CA PHE A 57 -7.14 6.02 -8.27
C PHE A 57 -7.25 6.99 -7.10
N PHE A 58 -7.31 8.29 -7.42
CA PHE A 58 -7.47 9.32 -6.40
C PHE A 58 -8.89 9.88 -6.38
N ASP A 59 -9.69 9.41 -5.43
CA ASP A 59 -11.05 9.92 -5.27
C ASP A 59 -11.01 11.38 -4.84
N TYR A 60 -10.08 11.71 -3.95
CA TYR A 60 -9.81 13.10 -3.61
C TYR A 60 -8.38 13.27 -3.12
N LEU A 61 -7.86 14.47 -3.29
CA LEU A 61 -6.56 14.83 -2.75
C LEU A 61 -6.62 16.20 -2.08
N LYS A 62 -6.53 16.21 -0.76
CA LYS A 62 -6.70 17.42 0.02
C LYS A 62 -5.39 17.86 0.69
N VAL A 63 -5.27 19.16 0.89
CA VAL A 63 -4.10 19.75 1.53
C VAL A 63 -4.58 20.73 2.59
N GLU A 64 -3.74 20.95 3.63
CA GLU A 64 -4.11 21.81 4.75
C GLU A 64 -4.46 23.23 4.31
N PHE A 72 -9.20 21.18 5.53
CA PHE A 72 -8.61 20.59 4.33
C PHE A 72 -9.38 20.95 3.08
N HIS A 73 -8.66 21.29 2.02
CA HIS A 73 -9.26 21.60 0.73
C HIS A 73 -8.60 20.78 -0.35
N ASP A 74 -9.40 20.32 -1.31
CA ASP A 74 -8.87 19.58 -2.44
C ASP A 74 -7.91 20.45 -3.23
N VAL A 75 -6.84 19.83 -3.73
CA VAL A 75 -5.93 20.50 -4.62
C VAL A 75 -6.69 20.85 -5.90
N LYS A 76 -6.27 21.92 -6.57
CA LYS A 76 -6.95 22.32 -7.79
C LYS A 76 -6.28 21.64 -8.98
N VAL A 77 -7.11 21.20 -9.92
CA VAL A 77 -6.62 20.42 -11.06
C VAL A 77 -6.57 21.30 -12.30
N LEU A 78 -5.37 21.64 -12.72
CA LEU A 78 -5.18 22.52 -13.88
C LEU A 78 -5.49 21.79 -15.18
N SER A 79 -5.04 20.54 -15.26
CA SER A 79 -5.32 19.72 -16.44
C SER A 79 -5.60 18.27 -16.06
N GLU A 80 -6.39 17.60 -16.88
CA GLU A 80 -6.73 16.20 -16.66
C GLU A 80 -6.49 15.37 -17.91
N ASP A 81 -5.72 14.29 -17.77
CA ASP A 81 -5.51 13.34 -18.86
C ASP A 81 -6.15 12.01 -18.49
N LYS A 82 -6.66 11.29 -19.48
CA LYS A 82 -7.41 10.06 -19.22
C LYS A 82 -6.76 8.82 -19.82
N ARG A 83 -5.54 8.97 -20.31
CA ARG A 83 -4.90 7.92 -21.11
C ARG A 83 -4.50 6.69 -20.30
N LYS A 84 -3.59 6.87 -19.35
CA LYS A 84 -3.05 5.73 -18.60
C LYS A 84 -3.46 5.80 -17.14
N HIS A 85 -4.67 5.31 -16.84
CA HIS A 85 -5.25 5.39 -15.49
C HIS A 85 -5.26 6.82 -14.99
N GLY A 86 -5.36 7.76 -15.93
CA GLY A 86 -5.46 9.16 -15.60
C GLY A 86 -4.13 9.79 -15.20
N THR A 87 -4.03 11.09 -15.43
CA THR A 87 -2.89 11.88 -15.00
C THR A 87 -3.31 13.33 -14.87
N LYS A 88 -3.39 13.83 -13.65
CA LYS A 88 -3.87 15.18 -13.42
C LYS A 88 -2.75 16.10 -12.98
N VAL A 89 -2.64 17.26 -13.62
CA VAL A 89 -1.72 18.28 -13.15
C VAL A 89 -2.39 19.02 -12.02
N ILE A 90 -1.89 18.84 -10.80
CA ILE A 90 -2.53 19.41 -9.64
C ILE A 90 -1.70 20.58 -9.12
N GLN A 91 -2.35 21.44 -8.35
CA GLN A 91 -1.71 22.63 -7.83
C GLN A 91 -2.24 22.98 -6.45
N PHE A 92 -1.38 23.55 -5.62
CA PHE A 92 -1.81 24.01 -4.30
C PHE A 92 -0.83 25.04 -3.76
N GLU A 93 -1.11 25.57 -2.58
CA GLU A 93 -0.29 26.63 -2.02
C GLU A 93 0.45 26.15 -0.79
N VAL A 94 1.62 26.73 -0.53
CA VAL A 94 2.35 26.45 0.69
C VAL A 94 2.76 27.75 1.38
N GLY A 95 2.65 27.79 2.70
CA GLY A 95 3.06 28.95 3.47
C GLY A 95 4.56 29.12 3.42
N GLU A 96 5.28 28.21 4.08
CA GLU A 96 6.73 28.20 4.04
C GLU A 96 7.24 26.92 3.41
N LEU A 97 8.45 26.98 2.85
CA LEU A 97 9.00 25.85 2.09
C LEU A 97 9.35 24.67 2.98
N GLY A 98 10.34 24.85 3.84
CA GLY A 98 10.92 23.79 4.63
C GLY A 98 10.05 23.00 5.58
N LYS A 99 8.81 23.43 5.79
CA LYS A 99 7.98 22.87 6.86
C LYS A 99 7.05 21.74 6.40
N ARG A 100 6.78 20.81 7.32
CA ARG A 100 5.85 19.71 7.09
C ARG A 100 4.41 20.21 6.98
N TYR A 101 3.63 19.58 6.10
CA TYR A 101 2.22 19.91 5.95
C TYR A 101 1.36 18.65 5.88
N ASN A 102 0.24 18.65 6.62
CA ASN A 102 -0.68 17.53 6.59
C ASN A 102 -1.42 17.45 5.25
N MET A 103 -1.56 16.23 4.73
CA MET A 103 -2.25 16.01 3.47
C MET A 103 -3.09 14.72 3.49
N GLN A 104 -4.32 14.81 2.97
CA GLN A 104 -5.22 13.66 2.97
C GLN A 104 -5.50 13.19 1.56
N MET A 105 -5.72 11.89 1.39
CA MET A 105 -6.04 11.35 0.07
C MET A 105 -6.98 10.15 0.17
N HIS A 106 -7.81 9.96 -0.86
CA HIS A 106 -8.63 8.76 -0.92
C HIS A 106 -8.23 7.90 -2.09
N ILE A 107 -7.59 6.78 -1.80
CA ILE A 107 -7.19 5.87 -2.86
C ILE A 107 -8.29 4.83 -3.08
N LEU A 108 -8.83 4.84 -4.29
CA LEU A 108 -9.95 3.98 -4.65
C LEU A 108 -9.67 3.26 -5.97
N ILE A 109 -9.46 1.95 -5.88
CA ILE A 109 -9.14 1.12 -7.03
C ILE A 109 -10.16 0.00 -7.17
N PRO A 110 -11.27 0.26 -7.89
CA PRO A 110 -12.47 -0.59 -7.96
C PRO A 110 -12.19 -2.07 -8.24
N THR A 111 -11.27 -2.35 -9.16
CA THR A 111 -11.03 -3.72 -9.60
C THR A 111 -10.31 -4.56 -8.53
N LEU A 112 -9.72 -3.92 -7.54
CA LEU A 112 -8.84 -4.64 -6.62
C LEU A 112 -9.48 -5.33 -5.41
N GLY A 113 -10.45 -4.73 -4.69
CA GLY A 113 -10.81 -3.34 -4.75
C GLY A 113 -10.22 -2.61 -3.56
N TYR A 114 -9.44 -1.58 -3.84
CA TYR A 114 -8.66 -0.88 -2.83
C TYR A 114 -9.30 0.43 -2.41
N ASP A 115 -10.05 0.40 -1.32
CA ASP A 115 -10.71 1.60 -0.81
C ASP A 115 -10.11 2.04 0.53
N LYS A 116 -9.10 2.90 0.50
CA LYS A 116 -8.50 3.37 1.73
C LYS A 116 -8.14 4.86 1.70
N GLU A 117 -8.39 5.53 2.81
CA GLU A 117 -8.04 6.94 2.95
C GLU A 117 -6.80 7.09 3.81
N PHE A 118 -5.93 8.03 3.46
CA PHE A 118 -4.67 8.19 4.17
C PHE A 118 -4.32 9.64 4.49
N LYS A 119 -3.71 9.85 5.64
CA LYS A 119 -3.22 11.16 6.06
C LYS A 119 -1.70 11.11 6.24
N ILE A 120 -0.98 11.74 5.33
CA ILE A 120 0.48 11.78 5.37
C ILE A 120 1.00 13.19 5.60
N GLN A 121 2.31 13.34 5.72
CA GLN A 121 2.87 14.70 5.80
C GLN A 121 3.85 14.94 4.69
N PHE A 122 3.90 16.17 4.18
CA PHE A 122 4.78 16.44 3.06
C PHE A 122 5.49 17.77 3.21
N GLU A 123 6.77 17.79 2.89
CA GLU A 123 7.49 19.04 2.79
C GLU A 123 7.88 19.24 1.33
N VAL A 124 7.70 20.46 0.83
CA VAL A 124 8.11 20.74 -0.54
C VAL A 124 9.33 21.64 -0.48
N ASN A 125 10.34 21.26 -1.25
CA ASN A 125 11.59 21.99 -1.27
C ASN A 125 12.03 22.35 -2.68
N MET A 126 13.20 22.98 -2.77
CA MET A 126 13.77 23.28 -4.06
C MET A 126 14.57 22.05 -4.39
N ARG A 127 14.55 21.64 -5.65
CA ARG A 127 15.25 20.43 -6.05
C ARG A 127 16.72 20.61 -5.74
N THR A 128 17.33 21.50 -6.48
CA THR A 128 18.73 21.72 -6.39
C THR A 128 18.91 22.87 -5.47
N PHE A 129 20.15 23.25 -5.26
CA PHE A 129 20.40 24.47 -4.54
C PHE A 129 19.92 25.61 -5.40
N VAL A 130 19.48 26.65 -4.74
CA VAL A 130 19.09 27.89 -5.39
C VAL A 130 20.10 28.26 -6.46
N ASP B 14 -13.77 -27.77 6.62
CA ASP B 14 -13.77 -26.41 6.08
C ASP B 14 -13.37 -25.39 7.15
N ALA B 15 -12.29 -24.66 6.87
CA ALA B 15 -11.75 -23.71 7.84
C ALA B 15 -11.70 -22.29 7.29
N VAL B 16 -11.44 -21.33 8.18
CA VAL B 16 -11.26 -19.94 7.80
C VAL B 16 -10.06 -19.36 8.56
N ILE B 17 -9.29 -18.52 7.88
CA ILE B 17 -8.13 -17.86 8.49
C ILE B 17 -8.30 -16.34 8.55
N LYS B 18 -8.06 -15.78 9.72
CA LYS B 18 -8.11 -14.32 9.92
C LYS B 18 -6.71 -13.78 10.17
N ALA B 19 -6.28 -12.82 9.36
CA ALA B 19 -4.95 -12.22 9.52
C ALA B 19 -5.05 -10.79 10.05
N TYR B 20 -4.01 -10.35 10.74
CA TYR B 20 -4.04 -9.07 11.45
C TYR B 20 -2.81 -8.22 11.17
N LYS B 21 -3.04 -6.91 11.04
CA LYS B 21 -1.99 -5.96 10.70
C LYS B 21 -0.98 -5.84 11.82
N ASP B 22 -0.09 -6.81 11.93
CA ASP B 22 0.87 -6.89 13.03
C ASP B 22 0.17 -6.76 14.39
N ASN B 23 0.65 -5.83 15.21
CA ASN B 23 0.13 -5.65 16.56
C ASN B 23 -1.35 -5.29 16.62
N SER B 24 -1.79 -4.47 15.67
CA SER B 24 -3.19 -4.04 15.61
C SER B 24 -4.14 -5.20 15.32
N ASP B 25 -5.38 -5.06 15.76
CA ASP B 25 -6.42 -6.05 15.51
C ASP B 25 -7.08 -5.71 14.17
N GLU B 26 -6.51 -4.73 13.50
CA GLU B 26 -6.92 -4.38 12.15
C GLU B 26 -6.65 -5.54 11.22
N GLU B 27 -7.61 -5.89 10.39
CA GLU B 27 -7.46 -7.03 9.48
C GLU B 27 -6.28 -6.79 8.53
N SER B 28 -5.41 -7.78 8.39
CA SER B 28 -4.22 -7.64 7.54
C SER B 28 -4.52 -7.76 6.06
N TYR B 29 -3.63 -7.21 5.24
CA TYR B 29 -3.74 -7.33 3.79
C TYR B 29 -3.52 -8.77 3.34
N ALA B 30 -2.62 -9.46 4.02
CA ALA B 30 -2.24 -10.83 3.66
C ALA B 30 -3.45 -11.77 3.61
N THR B 31 -4.52 -11.40 4.31
CA THR B 31 -5.72 -12.23 4.41
C THR B 31 -6.25 -12.63 3.04
N VAL B 32 -6.14 -11.72 2.09
CA VAL B 32 -6.68 -11.92 0.74
C VAL B 32 -5.83 -12.86 -0.12
N TYR B 33 -4.58 -13.10 0.28
CA TYR B 33 -3.70 -13.98 -0.51
C TYR B 33 -3.78 -15.43 -0.07
N ILE B 34 -4.62 -15.70 0.93
CA ILE B 34 -4.87 -17.06 1.40
C ILE B 34 -6.35 -17.36 1.39
N LYS B 35 -6.75 -18.37 0.64
CA LYS B 35 -8.16 -18.67 0.42
C LYS B 35 -8.45 -20.16 0.68
N ASP B 36 -9.73 -20.47 0.87
CA ASP B 36 -10.21 -21.83 1.18
C ASP B 36 -9.34 -22.62 2.15
N PRO B 37 -9.22 -22.13 3.39
CA PRO B 37 -8.48 -22.89 4.40
C PRO B 37 -9.18 -24.21 4.69
N LYS B 38 -8.42 -25.27 4.94
CA LYS B 38 -9.00 -26.58 5.18
C LYS B 38 -8.36 -27.24 6.39
N LEU B 39 -9.16 -27.81 7.28
CA LEU B 39 -8.62 -28.42 8.50
C LEU B 39 -8.67 -29.95 8.49
N THR B 40 -7.50 -30.56 8.62
CA THR B 40 -7.39 -32.02 8.73
C THR B 40 -6.78 -32.39 10.07
N ILE B 41 -6.98 -33.62 10.52
CA ILE B 41 -6.43 -34.06 11.80
C ILE B 41 -5.51 -35.26 11.63
N ARG B 46 -3.91 -30.74 14.76
CA ARG B 46 -4.64 -29.90 13.82
C ARG B 46 -3.74 -29.35 12.70
N ILE B 47 -4.15 -29.60 11.47
CA ILE B 47 -3.36 -29.29 10.28
C ILE B 47 -4.15 -28.41 9.31
N ILE B 48 -3.59 -27.26 8.97
CA ILE B 48 -4.21 -26.34 8.02
C ILE B 48 -3.60 -26.44 6.62
N THR B 49 -4.47 -26.68 5.64
CA THR B 49 -4.11 -26.76 4.23
C THR B 49 -4.78 -25.63 3.45
N ALA B 50 -3.98 -24.69 2.95
CA ALA B 50 -4.54 -23.51 2.29
C ALA B 50 -3.94 -23.24 0.92
N THR B 51 -4.72 -22.59 0.07
CA THR B 51 -4.27 -22.20 -1.27
C THR B 51 -3.70 -20.78 -1.24
N LEU B 52 -2.44 -20.65 -1.68
CA LEU B 52 -1.76 -19.36 -1.72
C LEU B 52 -1.67 -18.77 -3.13
N LYS B 53 -2.45 -17.72 -3.40
CA LYS B 53 -2.40 -17.04 -4.69
C LYS B 53 -1.18 -16.13 -4.78
N ASP B 54 -0.72 -15.89 -6.01
CA ASP B 54 0.52 -15.14 -6.28
C ASP B 54 1.67 -15.66 -5.45
N SER B 55 1.90 -16.97 -5.55
CA SER B 55 2.95 -17.64 -4.82
C SER B 55 4.32 -17.09 -5.22
N ASP B 56 4.42 -16.62 -6.46
CA ASP B 56 5.68 -16.13 -7.02
C ASP B 56 6.24 -14.96 -6.22
N PHE B 57 5.36 -14.19 -5.58
CA PHE B 57 5.78 -13.00 -4.84
C PHE B 57 6.12 -13.31 -3.39
N PHE B 58 6.02 -14.58 -3.01
CA PHE B 58 6.39 -15.02 -1.67
C PHE B 58 7.71 -15.76 -1.69
N ASP B 59 8.79 -15.07 -1.32
CA ASP B 59 10.09 -15.72 -1.24
C ASP B 59 10.06 -16.75 -0.13
N TYR B 60 9.42 -16.40 0.98
CA TYR B 60 9.14 -17.37 2.02
C TYR B 60 7.93 -16.97 2.85
N LEU B 61 7.29 -17.97 3.43
CA LEU B 61 6.22 -17.78 4.38
C LEU B 61 6.50 -18.71 5.56
N LYS B 62 6.86 -18.12 6.70
CA LYS B 62 7.30 -18.85 7.87
C LYS B 62 6.29 -18.76 9.02
N VAL B 63 6.31 -19.78 9.87
CA VAL B 63 5.40 -19.84 11.00
C VAL B 63 6.16 -20.16 12.28
N PHE B 72 10.22 -20.48 14.26
CA PHE B 72 9.70 -20.13 12.95
C PHE B 72 10.06 -21.22 11.95
N HIS B 73 9.09 -21.67 11.16
CA HIS B 73 9.35 -22.68 10.15
C HIS B 73 8.73 -22.30 8.82
N ASP B 74 9.44 -22.53 7.71
CA ASP B 74 8.85 -22.32 6.40
C ASP B 74 7.70 -23.28 6.21
N VAL B 75 6.61 -22.80 5.61
CA VAL B 75 5.52 -23.70 5.26
C VAL B 75 6.00 -24.64 4.17
N LYS B 76 5.45 -25.85 4.12
CA LYS B 76 5.80 -26.80 3.08
C LYS B 76 4.82 -26.64 1.93
N VAL B 77 5.33 -26.75 0.71
CA VAL B 77 4.52 -26.50 -0.47
C VAL B 77 4.07 -27.81 -1.09
N LEU B 78 2.78 -28.11 -0.94
CA LEU B 78 2.24 -29.37 -1.43
C LEU B 78 2.13 -29.36 -2.95
N SER B 79 1.67 -28.24 -3.51
CA SER B 79 1.59 -28.14 -4.97
C SER B 79 2.00 -26.75 -5.45
N GLU B 80 2.50 -26.69 -6.69
CA GLU B 80 2.92 -25.43 -7.28
C GLU B 80 2.32 -25.21 -8.66
N ASP B 81 1.65 -24.08 -8.85
CA ASP B 81 1.17 -23.68 -10.17
C ASP B 81 1.90 -22.40 -10.56
N LYS B 82 2.22 -22.26 -11.84
CA LYS B 82 3.03 -21.14 -12.30
C LYS B 82 2.39 -20.25 -13.37
N ARG B 83 1.08 -20.40 -13.60
CA ARG B 83 0.48 -19.76 -14.78
C ARG B 83 0.43 -18.23 -14.70
N LYS B 84 -0.32 -17.70 -13.74
CA LYS B 84 -0.46 -16.24 -13.66
C LYS B 84 0.14 -15.72 -12.36
N HIS B 85 1.45 -15.46 -12.40
CA HIS B 85 2.24 -15.04 -11.24
C HIS B 85 2.15 -16.04 -10.08
N GLY B 86 1.94 -17.31 -10.43
CA GLY B 86 2.00 -18.38 -9.46
C GLY B 86 0.81 -18.56 -8.53
N THR B 87 0.62 -19.80 -8.09
CA THR B 87 -0.37 -20.15 -7.07
C THR B 87 0.03 -21.49 -6.45
N LYS B 88 0.51 -21.48 -5.21
CA LYS B 88 0.95 -22.73 -4.59
C LYS B 88 0.04 -23.18 -3.45
N VAL B 89 -0.37 -24.45 -3.49
CA VAL B 89 -1.12 -25.03 -2.38
C VAL B 89 -0.15 -25.44 -1.27
N ILE B 90 -0.21 -24.70 -0.17
CA ILE B 90 0.70 -24.85 0.96
C ILE B 90 0.00 -25.44 2.20
N GLN B 91 0.80 -25.94 3.14
CA GLN B 91 0.28 -26.57 4.35
C GLN B 91 1.15 -26.29 5.56
N PHE B 92 0.53 -26.24 6.74
CA PHE B 92 1.25 -26.05 8.00
C PHE B 92 0.37 -26.53 9.15
N GLU B 93 0.89 -26.48 10.37
CA GLU B 93 0.17 -27.00 11.53
C GLU B 93 -0.24 -25.92 12.54
N VAL B 94 -1.32 -26.17 13.26
CA VAL B 94 -1.76 -25.29 14.34
C VAL B 94 -2.00 -26.06 15.64
N LEU B 97 -7.13 -23.40 18.20
CA LEU B 97 -7.70 -22.71 17.04
C LEU B 97 -7.80 -21.21 17.24
N GLY B 98 -8.64 -20.80 18.19
CA GLY B 98 -9.01 -19.41 18.36
C GLY B 98 -7.93 -18.37 18.64
N LYS B 99 -6.70 -18.81 18.92
CA LYS B 99 -5.67 -17.86 19.37
C LYS B 99 -4.74 -17.41 18.23
N ARG B 100 -4.18 -16.22 18.39
CA ARG B 100 -3.23 -15.63 17.44
C ARG B 100 -1.94 -16.43 17.32
N TYR B 101 -1.39 -16.47 16.11
CA TYR B 101 -0.12 -17.13 15.84
C TYR B 101 0.78 -16.22 15.01
N ASN B 102 2.05 -16.08 15.41
CA ASN B 102 2.98 -15.26 14.65
C ASN B 102 3.36 -15.90 13.31
N MET B 103 3.41 -15.06 12.28
CA MET B 103 3.75 -15.51 10.94
C MET B 103 4.62 -14.47 10.25
N GLN B 104 5.68 -14.93 9.61
CA GLN B 104 6.61 -14.03 8.92
C GLN B 104 6.53 -14.26 7.42
N MET B 105 6.74 -13.21 6.64
CA MET B 105 6.73 -13.38 5.20
C MET B 105 7.71 -12.44 4.52
N HIS B 106 8.23 -12.90 3.38
CA HIS B 106 9.09 -12.05 2.56
C HIS B 106 8.41 -11.74 1.25
N ILE B 107 7.97 -10.50 1.08
CA ILE B 107 7.34 -10.10 -0.16
C ILE B 107 8.40 -9.53 -1.08
N LEU B 108 8.60 -10.20 -2.22
CA LEU B 108 9.62 -9.81 -3.18
C LEU B 108 9.03 -9.79 -4.58
N ILE B 109 8.84 -8.59 -5.11
CA ILE B 109 8.28 -8.42 -6.44
C ILE B 109 9.22 -7.56 -7.28
N PRO B 110 10.19 -8.21 -7.94
CA PRO B 110 11.32 -7.58 -8.65
C PRO B 110 10.91 -6.43 -9.57
N THR B 111 9.80 -6.59 -10.29
CA THR B 111 9.39 -5.62 -11.28
C THR B 111 8.91 -4.30 -10.68
N LEU B 112 8.61 -4.28 -9.39
CA LEU B 112 7.97 -3.10 -8.78
C LEU B 112 8.93 -2.01 -8.25
N GLY B 113 10.05 -2.34 -7.59
CA GLY B 113 10.37 -3.64 -7.04
C GLY B 113 10.09 -3.61 -5.56
N TYR B 114 9.20 -4.49 -5.10
CA TYR B 114 8.75 -4.43 -3.73
C TYR B 114 9.42 -5.50 -2.89
N ASP B 115 10.46 -5.11 -2.16
CA ASP B 115 11.18 -6.02 -1.27
C ASP B 115 10.97 -5.64 0.18
N LYS B 116 9.99 -6.26 0.83
CA LYS B 116 9.72 -5.96 2.24
C LYS B 116 9.40 -7.20 3.07
N GLU B 117 9.89 -7.21 4.30
CA GLU B 117 9.65 -8.29 5.23
C GLU B 117 8.55 -7.91 6.22
N PHE B 118 7.67 -8.85 6.53
CA PHE B 118 6.55 -8.54 7.42
C PHE B 118 6.27 -9.60 8.49
N LYS B 119 5.89 -9.11 9.66
CA LYS B 119 5.48 -9.95 10.78
C LYS B 119 4.01 -9.71 11.13
N ILE B 120 3.15 -10.68 10.83
CA ILE B 120 1.74 -10.56 11.14
C ILE B 120 1.30 -11.64 12.13
N GLN B 121 0.05 -11.55 12.57
CA GLN B 121 -0.54 -12.57 13.43
C GLN B 121 -1.80 -13.12 12.80
N PHE B 122 -2.08 -14.40 12.99
CA PHE B 122 -3.25 -15.01 12.38
C PHE B 122 -3.97 -15.97 13.33
N GLU B 123 -5.30 -15.89 13.33
CA GLU B 123 -6.12 -16.83 14.07
C GLU B 123 -6.87 -17.74 13.10
N VAL B 124 -6.86 -19.04 13.37
CA VAL B 124 -7.58 -19.98 12.50
C VAL B 124 -8.78 -20.63 13.20
N ASN B 125 -9.92 -20.58 12.52
CA ASN B 125 -11.13 -21.20 13.03
C ASN B 125 -11.77 -22.09 11.99
N MET B 126 -12.91 -22.67 12.33
CA MET B 126 -13.69 -23.44 11.39
C MET B 126 -14.76 -22.54 10.77
N ARG B 127 -15.08 -22.76 9.50
CA ARG B 127 -16.09 -21.94 8.83
C ARG B 127 -17.41 -22.07 9.58
N THR B 128 -18.31 -21.13 9.38
CA THR B 128 -19.62 -21.23 10.01
C THR B 128 -20.67 -21.61 8.98
N PHE B 129 -21.77 -22.20 9.46
CA PHE B 129 -22.82 -22.68 8.58
C PHE B 129 -24.19 -22.43 9.18
N VAL B 130 -25.22 -22.65 8.37
CA VAL B 130 -26.59 -22.38 8.76
C VAL B 130 -27.36 -23.68 9.03
CHA HEM C . -0.21 2.22 2.82
CHB HEM C . -0.66 5.27 -0.93
CHC HEM C . -2.09 1.60 -3.75
CHD HEM C . -0.99 -1.55 -0.22
C1A HEM C . -0.31 3.37 2.07
C2A HEM C . -0.27 4.73 2.58
C3A HEM C . -0.40 5.57 1.56
C4A HEM C . -0.51 4.77 0.35
CMA HEM C . -0.42 7.12 1.58
CAA HEM C . -0.11 5.10 4.08
CBA HEM C . 1.18 5.86 4.37
CGA HEM C . 2.38 5.21 3.70
O1A HEM C . 2.36 3.97 3.47
O2A HEM C . 3.35 5.94 3.42
C1B HEM C . -1.09 4.55 -2.01
C2B HEM C . -1.41 5.09 -3.32
C3B HEM C . -1.80 4.08 -4.11
C4B HEM C . -1.76 2.87 -3.31
CMB HEM C . -1.26 6.59 -3.66
CAB HEM C . -2.26 4.09 -5.59
CBB HEM C . -2.52 5.19 -6.30
C1C HEM C . -1.81 0.43 -3.08
C2C HEM C . -1.73 -0.89 -3.67
C3C HEM C . -1.43 -1.77 -2.68
C4C HEM C . -1.30 -1.02 -1.46
CMC HEM C . -1.98 -1.18 -5.17
CAC HEM C . -1.22 -3.31 -2.74
CBC HEM C . -1.27 -4.04 -3.85
C1D HEM C . -0.85 -0.84 0.96
C2D HEM C . -0.97 -1.40 2.28
C3D HEM C . -0.72 -0.22 3.23
C4D HEM C . -0.47 0.93 2.38
CMD HEM C . -1.28 -2.86 2.64
CAD HEM C . -0.72 -0.24 4.77
CBD HEM C . -2.15 -0.52 5.24
CGD HEM C . -2.28 -0.21 6.71
O1D HEM C . -1.24 -0.09 7.39
O2D HEM C . -3.44 -0.09 7.18
NA HEM C . -0.46 3.45 0.70
NB HEM C . -1.33 3.18 -2.05
NC HEM C . -1.54 0.32 -1.73
ND HEM C . -0.56 0.53 1.05
FE HEM C . -1.07 1.85 -0.49
CHA HEM D . 2.14 -2.81 4.43
CHB HEM D . 1.73 -7.30 2.66
CHC HEM D . 2.69 -5.61 -1.77
CHD HEM D . 2.38 -1.08 -0.15
C1A HEM D . 2.00 -4.18 4.36
C2A HEM D . 1.88 -5.10 5.48
C3A HEM D . 1.78 -6.33 4.98
C4A HEM D . 1.82 -6.24 3.53
CMA HEM D . 1.63 -7.65 5.78
CAA HEM D . 1.90 -4.69 6.97
CBA HEM D . 0.56 -4.93 7.69
CGA HEM D . -0.58 -5.15 6.74
O1A HEM D . -0.92 -4.22 5.96
O2A HEM D . -1.18 -6.26 6.77
C1B HEM D . 1.92 -7.22 1.30
C2B HEM D . 1.76 -8.32 0.36
C3B HEM D . 2.02 -7.85 -0.88
C4B HEM D . 2.36 -6.45 -0.74
CMB HEM D . 1.34 -9.75 0.79
CAB HEM D . 2.01 -8.59 -2.25
CBB HEM D . 1.80 -9.89 -2.43
C1C HEM D . 2.56 -4.24 -1.75
C2C HEM D . 2.38 -3.38 -2.90
C3C HEM D . 2.29 -2.11 -2.46
C4C HEM D . 2.41 -2.15 -1.00
CMC HEM D . 2.32 -3.92 -4.35
CAC HEM D . 2.09 -0.80 -3.25
CBC HEM D . 1.89 -0.72 -4.57
C1D HEM D . 2.57 -1.16 1.22
C2D HEM D . 3.30 -0.21 2.03
C3D HEM D . 3.23 -0.76 3.46
C4D HEM D . 2.46 -1.98 3.38
CMD HEM D . 4.02 1.07 1.56
CAD HEM D . 3.84 -0.15 4.74
CBD HEM D . 5.27 -0.68 4.90
CGD HEM D . 5.67 -0.65 6.34
O1D HEM D . 4.85 -0.20 7.19
O2D HEM D . 6.82 -1.06 6.66
NA HEM D . 1.96 -4.91 3.20
NB HEM D . 2.28 -6.10 0.59
NC HEM D . 2.57 -3.46 -0.61
ND HEM D . 2.10 -2.18 2.04
FE HEM D . 2.25 -4.15 1.30
#